data_5I15
#
_entry.id   5I15
#
_cell.length_a   129.240
_cell.length_b   129.240
_cell.length_c   91.840
_cell.angle_alpha   90.00
_cell.angle_beta   90.00
_cell.angle_gamma   120.00
#
_symmetry.space_group_name_H-M   'P 31 2 1'
#
loop_
_entity.id
_entity.type
_entity.pdbx_description
1 polymer 'FAB LIGHT CHAIN'
2 polymer 'FAB HEAVY CHAIN'
3 non-polymer '2-(N-MORPHOLINO)-ETHANESULFONIC ACID'
4 water water
#
loop_
_entity_poly.entity_id
_entity_poly.type
_entity_poly.pdbx_seq_one_letter_code
_entity_poly.pdbx_strand_id
1 'polypeptide(L)'
;DIQMTQSPSSLSASVGDRVTITCRASQSISSYLNWYQQKPGKAPKLLIYAASSLQSGVPSRFSGSGSGTDFTLTISSLQP
EDFATYYCQQSYSTPLTFGQGTKVEIKRTVAAPSVFIFPPSDEQLKSGTASVVCLLNNFYPREAKVQWKVDNALQSGNSQ
ESVTEQDSKDSTYSLSSTLTLSKADYEKHKVYACEVTHQGLSSPVTKSFNRGEC
;
L
2 'polypeptide(L)'
;QVQLVQSGAEVKKPGSSVKVSCKASGGTFSSYAISWVRQAPGQGLEWMGGIIPIFGTANYAQKFQGRVTITADESTSTAY
MELSSLRSEDTAVYYCARYDGIYGELDFWGQGTLVTVSSASTKGPSVFPLAPSSKSTSGGTAALGCLVKDYFPEPVTVSW
NSGALTSGVHTFPAVLQSSGLYSLSSVVTVPSSSLGTQTYICNVNHKPSNTKVDKKVEPKSCHHHHHH
;
H
#
# COMPACT_ATOMS: atom_id res chain seq x y z
N ASP A 1 14.73 2.15 -27.41
CA ASP A 1 13.91 2.56 -26.24
C ASP A 1 13.67 4.06 -26.22
N ILE A 2 12.39 4.44 -26.05
CA ILE A 2 12.00 5.83 -25.89
C ILE A 2 11.97 6.17 -24.39
N GLN A 3 12.76 7.15 -23.99
CA GLN A 3 12.82 7.58 -22.58
C GLN A 3 11.68 8.51 -22.27
N MET A 4 11.05 8.32 -21.12
CA MET A 4 10.01 9.22 -20.64
C MET A 4 10.48 9.96 -19.41
N THR A 5 10.31 11.27 -19.39
CA THR A 5 10.78 12.10 -18.29
C THR A 5 9.64 12.98 -17.80
N GLN A 6 9.25 12.78 -16.55
CA GLN A 6 8.21 13.59 -15.92
C GLN A 6 8.82 14.70 -15.10
N SER A 7 8.12 15.84 -15.03
CA SER A 7 8.51 16.92 -14.15
C SER A 7 7.23 17.60 -13.64
N PRO A 8 7.14 17.81 -12.33
CA PRO A 8 8.18 17.43 -11.35
C PRO A 8 8.07 15.98 -10.94
N SER A 9 8.96 15.53 -10.06
CA SER A 9 8.91 14.19 -9.52
C SER A 9 8.11 14.16 -8.21
N SER A 10 7.87 15.34 -7.66
CA SER A 10 7.12 15.50 -6.40
C SER A 10 6.50 16.89 -6.39
N LEU A 11 5.46 17.07 -5.58
CA LEU A 11 4.61 18.25 -5.70
C LEU A 11 3.64 18.31 -4.53
N SER A 12 3.41 19.52 -4.02
CA SER A 12 2.45 19.78 -2.93
C SER A 12 1.56 20.93 -3.32
N ALA A 13 0.27 20.81 -3.00
CA ALA A 13 -0.66 21.86 -3.33
C ALA A 13 -1.87 21.79 -2.41
N SER A 14 -2.66 22.84 -2.42
CA SER A 14 -3.82 22.95 -1.55
C SER A 14 -5.03 22.50 -2.31
N VAL A 15 -6.05 22.06 -1.59
CA VAL A 15 -7.30 21.68 -2.22
C VAL A 15 -7.81 22.85 -3.06
N GLY A 16 -8.11 22.57 -4.33
CA GLY A 16 -8.65 23.56 -5.25
C GLY A 16 -7.62 24.23 -6.14
N ASP A 17 -6.35 23.92 -5.93
CA ASP A 17 -5.27 24.46 -6.75
C ASP A 17 -5.23 23.80 -8.12
N ARG A 18 -4.72 24.53 -9.12
CA ARG A 18 -4.42 23.95 -10.42
C ARG A 18 -3.05 23.28 -10.36
N VAL A 19 -3.05 21.97 -10.61
CA VAL A 19 -1.83 21.16 -10.64
C VAL A 19 -1.50 20.76 -12.08
N THR A 20 -0.22 20.84 -12.44
CA THR A 20 0.24 20.55 -13.79
C THR A 20 1.48 19.67 -13.75
N ILE A 21 1.39 18.50 -14.39
CA ILE A 21 2.50 17.56 -14.48
C ILE A 21 2.93 17.41 -15.94
N THR A 22 4.23 17.34 -16.17
CA THR A 22 4.77 17.34 -17.53
C THR A 22 5.48 16.02 -17.89
N CYS A 23 5.24 15.56 -19.10
CA CYS A 23 5.86 14.35 -19.60
C CYS A 23 6.56 14.71 -20.91
N ARG A 24 7.79 14.25 -21.05
CA ARG A 24 8.59 14.48 -22.26
C ARG A 24 9.22 13.18 -22.78
N ALA A 25 9.03 12.92 -24.06
CA ALA A 25 9.52 11.70 -24.69
C ALA A 25 10.84 11.97 -25.42
N SER A 26 11.74 11.00 -25.38
CA SER A 26 13.04 11.12 -26.06
C SER A 26 12.92 11.24 -27.59
N GLN A 27 11.77 10.86 -28.13
CA GLN A 27 11.47 11.01 -29.57
C GLN A 27 9.96 10.93 -29.81
N SER A 28 9.53 11.40 -30.98
CA SER A 28 8.10 11.53 -31.27
C SER A 28 7.32 10.23 -31.05
N ILE A 29 6.23 10.33 -30.29
CA ILE A 29 5.37 9.19 -29.99
C ILE A 29 3.96 9.52 -30.44
N SER A 30 3.86 10.47 -31.35
CA SER A 30 2.58 10.95 -31.86
C SER A 30 1.66 11.34 -30.69
N SER A 31 0.62 10.54 -30.45
CA SER A 31 -0.36 10.82 -29.41
C SER A 31 -0.66 9.55 -28.62
N TYR A 32 0.31 8.64 -28.61
CA TYR A 32 0.17 7.36 -27.93
C TYR A 32 0.72 7.49 -26.52
N LEU A 33 0.08 8.37 -25.75
CA LEU A 33 0.52 8.70 -24.41
C LEU A 33 -0.65 8.52 -23.49
N ASN A 34 -0.40 7.76 -22.43
CA ASN A 34 -1.43 7.44 -21.45
C ASN A 34 -0.96 7.89 -20.07
N TRP A 35 -1.91 8.20 -19.21
CA TRP A 35 -1.63 8.63 -17.84
C TRP A 35 -2.30 7.73 -16.88
N TYR A 36 -1.52 7.21 -15.92
CA TYR A 36 -2.07 6.37 -14.87
C TYR A 36 -2.00 7.04 -13.49
N GLN A 37 -2.91 6.65 -12.61
CA GLN A 37 -2.93 7.14 -11.24
C GLN A 37 -2.86 5.95 -10.29
N GLN A 38 -1.91 6.01 -9.37
CA GLN A 38 -1.70 4.93 -8.43
C GLN A 38 -1.71 5.45 -7.00
N LYS A 39 -2.82 5.18 -6.31
CA LYS A 39 -2.93 5.42 -4.88
C LYS A 39 -2.11 4.34 -4.18
N PRO A 40 -1.74 4.57 -2.90
CA PRO A 40 -0.75 3.69 -2.28
C PRO A 40 -1.29 2.29 -1.96
N GLY A 41 -0.45 1.27 -2.18
CA GLY A 41 -0.86 -0.12 -1.97
C GLY A 41 -1.86 -0.66 -2.97
N LYS A 42 -2.33 0.21 -3.86
CA LYS A 42 -3.28 -0.16 -4.91
C LYS A 42 -2.61 -0.27 -6.29
N ALA A 43 -3.38 -0.73 -7.27
CA ALA A 43 -2.87 -0.92 -8.62
C ALA A 43 -3.07 0.37 -9.41
N PRO A 44 -2.22 0.61 -10.43
CA PRO A 44 -2.41 1.79 -11.27
C PRO A 44 -3.77 1.74 -11.97
N LYS A 45 -4.34 2.91 -12.20
CA LYS A 45 -5.63 3.06 -12.83
C LYS A 45 -5.46 4.04 -13.98
N LEU A 46 -6.01 3.69 -15.14
CA LEU A 46 -5.95 4.55 -16.31
C LEU A 46 -6.82 5.80 -16.15
N LEU A 47 -6.24 6.96 -16.39
CA LEU A 47 -6.95 8.24 -16.34
C LEU A 47 -7.18 8.78 -17.73
N ILE A 48 -6.09 8.85 -18.50
CA ILE A 48 -6.09 9.46 -19.81
C ILE A 48 -5.44 8.49 -20.79
N TYR A 49 -5.98 8.43 -22.00
CA TYR A 49 -5.33 7.71 -23.09
C TYR A 49 -5.37 8.57 -24.33
N ALA A 50 -4.55 8.20 -25.31
CA ALA A 50 -4.46 8.98 -26.54
C ALA A 50 -4.21 10.45 -26.21
N ALA A 51 -3.34 10.68 -25.23
CA ALA A 51 -2.87 12.01 -24.83
C ALA A 51 -3.92 12.88 -24.13
N SER A 52 -5.19 12.71 -24.51
CA SER A 52 -6.20 13.70 -24.17
C SER A 52 -7.58 13.17 -23.84
N SER A 53 -7.80 11.86 -23.95
CA SER A 53 -9.14 11.30 -23.72
C SER A 53 -9.31 10.70 -22.35
N LEU A 54 -10.35 11.17 -21.65
CA LEU A 54 -10.66 10.69 -20.32
C LEU A 54 -11.28 9.30 -20.36
N GLN A 55 -10.69 8.40 -19.60
CA GLN A 55 -11.32 7.13 -19.25
C GLN A 55 -12.65 7.43 -18.58
N SER A 56 -13.69 6.67 -18.91
CA SER A 56 -15.02 6.94 -18.36
C SER A 56 -15.03 6.54 -16.89
N GLY A 57 -15.48 7.47 -16.05
CA GLY A 57 -15.43 7.31 -14.61
C GLY A 57 -14.53 8.34 -13.95
N VAL A 58 -13.61 8.90 -14.73
CA VAL A 58 -12.65 9.90 -14.23
C VAL A 58 -13.29 11.29 -14.27
N PRO A 59 -13.29 12.01 -13.12
CA PRO A 59 -13.87 13.36 -13.07
C PRO A 59 -13.23 14.35 -14.05
N SER A 60 -14.04 15.28 -14.54
CA SER A 60 -13.64 16.23 -15.59
C SER A 60 -12.52 17.22 -15.22
N ARG A 61 -12.18 17.31 -13.94
CA ARG A 61 -11.08 18.18 -13.51
C ARG A 61 -9.73 17.69 -14.07
N PHE A 62 -9.64 16.38 -14.29
CA PHE A 62 -8.50 15.80 -14.98
C PHE A 62 -8.59 16.06 -16.47
N SER A 63 -7.46 16.40 -17.07
CA SER A 63 -7.39 16.63 -18.50
C SER A 63 -5.94 16.49 -18.97
N GLY A 64 -5.77 16.16 -20.24
CA GLY A 64 -4.45 15.90 -20.81
C GLY A 64 -4.33 16.53 -22.17
N SER A 65 -3.11 16.83 -22.55
CA SER A 65 -2.87 17.54 -23.81
C SER A 65 -1.46 17.27 -24.34
N GLY A 66 -1.27 17.60 -25.61
CA GLY A 66 0.04 17.52 -26.24
C GLY A 66 0.15 16.44 -27.31
N SER A 67 1.15 16.59 -28.16
CA SER A 67 1.51 15.58 -29.16
C SER A 67 2.98 15.69 -29.52
N GLY A 68 3.55 14.57 -29.93
CA GLY A 68 4.93 14.51 -30.36
C GLY A 68 5.84 14.10 -29.21
N THR A 69 6.41 15.10 -28.55
CA THR A 69 7.32 14.86 -27.43
C THR A 69 6.82 15.46 -26.12
N ASP A 70 5.98 16.48 -26.20
CA ASP A 70 5.62 17.29 -25.01
C ASP A 70 4.16 17.15 -24.62
N PHE A 71 3.96 16.61 -23.41
CA PHE A 71 2.63 16.29 -22.91
C PHE A 71 2.44 16.86 -21.51
N THR A 72 1.19 17.20 -21.18
CA THR A 72 0.86 17.72 -19.86
C THR A 72 -0.43 17.08 -19.29
N LEU A 73 -0.35 16.68 -18.03
CA LEU A 73 -1.50 16.30 -17.25
C LEU A 73 -1.90 17.45 -16.34
N THR A 74 -3.18 17.80 -16.36
CA THR A 74 -3.71 18.90 -15.54
C THR A 74 -4.83 18.43 -14.65
N ILE A 75 -4.74 18.80 -13.37
CA ILE A 75 -5.87 18.70 -12.46
C ILE A 75 -6.28 20.14 -12.18
N SER A 76 -7.51 20.50 -12.57
CA SER A 76 -7.91 21.91 -12.58
C SER A 76 -8.19 22.45 -11.19
N SER A 77 -8.78 21.63 -10.33
CA SER A 77 -8.87 21.96 -8.91
C SER A 77 -8.64 20.71 -8.05
N LEU A 78 -7.42 20.58 -7.55
CA LEU A 78 -6.99 19.41 -6.77
C LEU A 78 -7.94 19.05 -5.63
N GLN A 79 -8.20 17.76 -5.48
CA GLN A 79 -9.09 17.25 -4.44
C GLN A 79 -8.34 16.25 -3.54
N PRO A 80 -8.81 16.06 -2.29
CA PRO A 80 -8.12 15.19 -1.35
C PRO A 80 -7.89 13.77 -1.87
N GLU A 81 -8.84 13.25 -2.64
CA GLU A 81 -8.73 11.90 -3.22
C GLU A 81 -7.72 11.81 -4.37
N ASP A 82 -7.30 12.96 -4.91
CA ASP A 82 -6.29 13.02 -5.96
C ASP A 82 -4.87 12.75 -5.47
N PHE A 83 -4.74 12.42 -4.18
CA PHE A 83 -3.47 12.05 -3.60
C PHE A 83 -3.03 10.74 -4.21
N ALA A 84 -1.88 10.76 -4.88
CA ALA A 84 -1.35 9.59 -5.59
C ALA A 84 -0.03 9.89 -6.27
N THR A 85 0.62 8.84 -6.76
CA THR A 85 1.67 8.97 -7.75
C THR A 85 1.06 8.87 -9.14
N TYR A 86 1.57 9.67 -10.08
CA TYR A 86 1.04 9.74 -11.44
C TYR A 86 2.12 9.39 -12.44
N TYR A 87 1.81 8.44 -13.33
CA TYR A 87 2.77 8.01 -14.36
C TYR A 87 2.29 8.26 -15.77
N CYS A 88 3.22 8.61 -16.64
CA CYS A 88 2.95 8.69 -18.06
C CYS A 88 3.58 7.47 -18.71
N GLN A 89 3.07 7.09 -19.87
CA GLN A 89 3.52 5.88 -20.55
C GLN A 89 3.28 6.00 -22.05
N GLN A 90 4.30 5.64 -22.83
CA GLN A 90 4.19 5.69 -24.29
C GLN A 90 3.91 4.29 -24.83
N SER A 91 2.96 4.20 -25.74
CA SER A 91 2.68 2.93 -26.40
C SER A 91 2.74 3.08 -27.91
N TYR A 92 3.57 4.02 -28.37
CA TYR A 92 3.85 4.23 -29.78
C TYR A 92 4.68 3.10 -30.37
N SER A 93 5.53 2.51 -29.53
CA SER A 93 6.53 1.55 -29.96
C SER A 93 7.00 0.75 -28.76
N THR A 94 7.29 -0.53 -28.98
CA THR A 94 7.82 -1.38 -27.91
C THR A 94 9.34 -1.23 -27.80
N PRO A 95 9.90 -1.44 -26.60
CA PRO A 95 9.20 -1.73 -25.33
C PRO A 95 8.33 -0.56 -24.84
N LEU A 96 7.24 -0.88 -24.13
CA LEU A 96 6.44 0.15 -23.48
C LEU A 96 7.26 0.76 -22.35
N THR A 97 7.25 2.08 -22.26
CA THR A 97 8.05 2.76 -21.24
C THR A 97 7.28 3.84 -20.46
N PHE A 98 7.54 3.89 -19.16
CA PHE A 98 6.90 4.81 -18.23
C PHE A 98 7.80 5.97 -17.80
N GLY A 99 7.19 7.09 -17.45
CA GLY A 99 7.89 8.13 -16.69
C GLY A 99 8.23 7.65 -15.29
N GLN A 100 9.05 8.41 -14.57
CA GLN A 100 9.51 7.98 -13.24
C GLN A 100 8.42 8.11 -12.16
N GLY A 101 7.35 8.83 -12.48
CA GLY A 101 6.24 9.00 -11.53
C GLY A 101 6.34 10.31 -10.79
N THR A 102 5.20 10.93 -10.54
CA THR A 102 5.13 12.20 -9.82
C THR A 102 4.22 12.03 -8.62
N LYS A 103 4.77 12.10 -7.41
CA LYS A 103 3.95 12.03 -6.21
C LYS A 103 3.26 13.37 -5.92
N VAL A 104 1.93 13.35 -5.92
CA VAL A 104 1.12 14.52 -5.58
C VAL A 104 0.60 14.41 -4.14
N GLU A 105 1.03 15.33 -3.27
CA GLU A 105 0.49 15.39 -1.90
C GLU A 105 -0.29 16.67 -1.62
N ILE A 106 -1.21 16.58 -0.66
CA ILE A 106 -2.13 17.66 -0.37
C ILE A 106 -1.60 18.51 0.77
N LYS A 107 -1.77 19.81 0.67
CA LYS A 107 -1.41 20.74 1.72
C LYS A 107 -2.72 21.14 2.40
N ARG A 108 -2.82 20.92 3.70
CA ARG A 108 -4.01 21.31 4.46
C ARG A 108 -3.65 22.01 5.78
N THR A 109 -4.67 22.49 6.51
CA THR A 109 -4.45 23.21 7.76
C THR A 109 -4.07 22.23 8.85
N VAL A 110 -3.32 22.72 9.85
CA VAL A 110 -3.05 21.98 11.08
C VAL A 110 -4.29 21.31 11.61
N ALA A 111 -4.11 20.09 12.09
CA ALA A 111 -5.17 19.37 12.76
C ALA A 111 -4.53 18.58 13.87
N ALA A 112 -5.17 18.60 15.03
CA ALA A 112 -4.61 17.98 16.22
C ALA A 112 -4.87 16.48 16.23
N PRO A 113 -3.97 15.72 16.87
CA PRO A 113 -4.21 14.29 16.99
C PRO A 113 -5.15 13.95 18.12
N SER A 114 -5.86 12.84 17.97
CA SER A 114 -6.53 12.19 19.09
C SER A 114 -5.64 11.05 19.54
N VAL A 115 -5.16 11.12 20.78
CA VAL A 115 -4.24 10.15 21.32
C VAL A 115 -4.93 9.03 22.13
N PHE A 116 -4.49 7.80 21.87
CA PHE A 116 -4.94 6.62 22.61
C PHE A 116 -3.71 5.80 23.02
N ILE A 117 -3.85 5.07 24.11
CA ILE A 117 -2.83 4.12 24.54
C ILE A 117 -3.47 2.73 24.76
N PHE A 118 -2.77 1.69 24.34
CA PHE A 118 -3.23 0.32 24.52
C PHE A 118 -2.17 -0.47 25.27
N PRO A 119 -2.56 -1.04 26.43
CA PRO A 119 -1.69 -1.99 27.12
C PRO A 119 -1.64 -3.29 26.31
N PRO A 120 -0.62 -4.13 26.55
CA PRO A 120 -0.49 -5.38 25.79
C PRO A 120 -1.60 -6.35 26.15
N SER A 121 -1.94 -7.24 25.23
CA SER A 121 -2.99 -8.22 25.47
C SER A 121 -2.54 -9.26 26.49
N ASP A 122 -3.51 -10.02 27.02
CA ASP A 122 -3.19 -11.13 27.92
C ASP A 122 -2.53 -12.25 27.12
N GLU A 123 -3.13 -12.57 25.97
CA GLU A 123 -2.62 -13.62 25.10
C GLU A 123 -1.13 -13.43 24.73
N GLN A 124 -0.75 -12.17 24.47
CA GLN A 124 0.64 -11.84 24.11
C GLN A 124 1.63 -12.00 25.28
N LEU A 125 1.19 -11.65 26.48
CA LEU A 125 2.04 -11.77 27.67
C LEU A 125 2.35 -13.22 28.00
N LYS A 126 1.41 -14.10 27.67
CA LYS A 126 1.60 -15.54 27.80
C LYS A 126 2.78 -16.02 26.95
N SER A 127 2.98 -15.40 25.79
CA SER A 127 4.10 -15.75 24.92
C SER A 127 5.40 -15.06 25.36
N GLY A 128 5.33 -14.31 26.45
CA GLY A 128 6.52 -13.72 27.08
C GLY A 128 7.04 -12.42 26.49
N THR A 129 6.16 -11.65 25.84
CA THR A 129 6.53 -10.37 25.25
C THR A 129 5.41 -9.36 25.45
N ALA A 130 5.79 -8.10 25.68
CA ALA A 130 4.82 -7.01 25.81
C ALA A 130 5.01 -5.96 24.71
N SER A 131 3.95 -5.73 23.95
CA SER A 131 3.88 -4.63 22.98
C SER A 131 2.90 -3.59 23.50
N VAL A 132 3.41 -2.40 23.77
CA VAL A 132 2.59 -1.28 24.20
C VAL A 132 2.40 -0.34 23.00
N VAL A 133 1.16 0.05 22.73
CA VAL A 133 0.84 0.78 21.51
C VAL A 133 0.17 2.13 21.74
N CYS A 134 0.78 3.18 21.19
CA CYS A 134 0.23 4.53 21.26
C CYS A 134 -0.24 4.96 19.89
N LEU A 135 -1.44 5.52 19.82
CA LEU A 135 -2.04 5.89 18.54
C LEU A 135 -2.38 7.37 18.45
N LEU A 136 -1.77 8.06 17.49
CA LEU A 136 -2.16 9.43 17.16
C LEU A 136 -3.07 9.31 15.96
N ASN A 137 -4.29 9.84 16.09
CA ASN A 137 -5.29 9.65 15.06
C ASN A 137 -5.76 10.96 14.43
N ASN A 138 -5.66 11.00 13.10
CA ASN A 138 -6.15 12.12 12.27
C ASN A 138 -5.56 13.47 12.60
N PHE A 139 -4.31 13.66 12.19
CA PHE A 139 -3.59 14.90 12.42
C PHE A 139 -2.81 15.38 11.20
N TYR A 140 -2.42 16.65 11.24
CA TYR A 140 -1.60 17.28 10.22
C TYR A 140 -0.86 18.41 10.90
N PRO A 141 0.45 18.59 10.60
CA PRO A 141 1.25 17.83 9.64
C PRO A 141 1.77 16.51 10.22
N ARG A 142 2.60 15.84 9.44
CA ARG A 142 3.17 14.55 9.81
C ARG A 142 4.07 14.68 11.04
N GLU A 143 4.89 15.73 11.07
CA GLU A 143 5.86 15.94 12.16
C GLU A 143 5.23 15.91 13.55
N ALA A 144 5.65 14.93 14.35
CA ALA A 144 5.21 14.77 15.73
C ALA A 144 6.31 14.12 16.56
N LYS A 145 6.36 14.49 17.84
CA LYS A 145 7.20 13.82 18.80
C LYS A 145 6.33 12.92 19.66
N VAL A 146 6.74 11.67 19.80
CA VAL A 146 6.08 10.72 20.68
C VAL A 146 7.14 10.19 21.65
N GLN A 147 6.93 10.51 22.91
CA GLN A 147 7.91 10.21 23.94
C GLN A 147 7.30 9.16 24.87
N TRP A 148 7.97 8.03 24.97
CA TRP A 148 7.57 7.01 25.93
C TRP A 148 8.22 7.25 27.26
N LYS A 149 7.41 7.36 28.30
CA LYS A 149 7.93 7.41 29.67
C LYS A 149 7.46 6.17 30.40
N VAL A 150 8.41 5.50 31.04
CA VAL A 150 8.14 4.30 31.80
C VAL A 150 8.59 4.58 33.24
N ASP A 151 7.61 4.70 34.14
CA ASP A 151 7.84 5.16 35.52
C ASP A 151 8.60 6.50 35.55
N ASN A 152 8.21 7.41 34.65
CA ASN A 152 8.83 8.74 34.50
C ASN A 152 10.28 8.77 33.99
N ALA A 153 10.73 7.67 33.38
CA ALA A 153 12.03 7.62 32.70
C ALA A 153 11.83 7.59 31.18
N LEU A 154 12.49 8.50 30.48
CA LEU A 154 12.36 8.60 29.02
C LEU A 154 12.99 7.37 28.36
N GLN A 155 12.33 6.85 27.32
CA GLN A 155 12.82 5.65 26.62
C GLN A 155 13.60 5.97 25.36
N SER A 156 14.48 5.05 25.01
CA SER A 156 15.39 5.24 23.88
C SER A 156 15.55 3.91 23.14
N GLY A 157 15.26 3.93 21.83
CA GLY A 157 15.54 2.82 20.91
C GLY A 157 14.90 1.47 21.22
N ASN A 158 13.68 1.52 21.77
CA ASN A 158 12.91 0.33 22.10
C ASN A 158 11.49 0.43 21.53
N SER A 159 11.25 1.48 20.74
CA SER A 159 9.97 1.70 20.09
C SER A 159 10.15 1.97 18.59
N GLN A 160 9.08 1.75 17.83
CA GLN A 160 9.07 2.02 16.39
C GLN A 160 7.76 2.68 16.02
N GLU A 161 7.81 3.59 15.05
CA GLU A 161 6.58 4.21 14.57
C GLU A 161 6.24 3.91 13.13
N SER A 162 4.95 3.91 12.85
CA SER A 162 4.46 3.74 11.50
C SER A 162 3.41 4.81 11.23
N VAL A 163 3.46 5.38 10.03
CA VAL A 163 2.52 6.42 9.63
C VAL A 163 1.72 5.97 8.41
N THR A 164 0.42 6.24 8.41
CA THR A 164 -0.40 5.99 7.25
C THR A 164 -0.07 7.04 6.19
N GLU A 165 -0.55 6.80 4.98
CA GLU A 165 -0.46 7.77 3.93
C GLU A 165 -1.62 8.75 4.10
N GLN A 166 -1.49 9.92 3.48
CA GLN A 166 -2.48 10.99 3.61
C GLN A 166 -3.88 10.45 3.29
N ASP A 167 -4.84 10.73 4.17
CA ASP A 167 -6.19 10.18 3.99
C ASP A 167 -6.87 10.78 2.74
N SER A 168 -7.69 9.97 2.08
CA SER A 168 -8.30 10.35 0.80
C SER A 168 -9.50 11.28 0.97
N LYS A 169 -9.99 11.41 2.20
CA LYS A 169 -11.16 12.25 2.47
C LYS A 169 -10.78 13.57 3.13
N ASP A 170 -9.88 13.53 4.13
CA ASP A 170 -9.52 14.75 4.88
C ASP A 170 -8.02 15.11 4.87
N SER A 171 -7.21 14.32 4.17
CA SER A 171 -5.77 14.60 3.98
C SER A 171 -4.92 14.58 5.26
N THR A 172 -5.44 13.97 6.32
CA THR A 172 -4.68 13.84 7.56
C THR A 172 -3.83 12.57 7.57
N TYR A 173 -2.99 12.47 8.59
CA TYR A 173 -2.19 11.29 8.85
C TYR A 173 -2.72 10.57 10.07
N SER A 174 -2.21 9.36 10.29
CA SER A 174 -2.30 8.68 11.56
C SER A 174 -0.99 7.97 11.82
N LEU A 175 -0.64 7.85 13.09
CA LEU A 175 0.67 7.32 13.50
C LEU A 175 0.51 6.35 14.65
N SER A 176 1.23 5.23 14.57
CA SER A 176 1.31 4.30 15.70
C SER A 176 2.73 4.26 16.21
N SER A 177 2.87 4.29 17.53
CA SER A 177 4.15 4.06 18.18
C SER A 177 4.03 2.84 19.05
N THR A 178 4.97 1.92 18.86
CA THR A 178 4.92 0.64 19.53
C THR A 178 6.18 0.43 20.32
N LEU A 179 6.02 0.34 21.64
CA LEU A 179 7.11 0.03 22.55
C LEU A 179 7.07 -1.45 22.84
N THR A 180 8.20 -2.11 22.66
CA THR A 180 8.28 -3.56 22.79
C THR A 180 9.38 -3.93 23.78
N LEU A 181 9.00 -4.72 24.77
CA LEU A 181 9.95 -5.29 25.71
C LEU A 181 9.51 -6.69 26.09
N SER A 182 10.42 -7.45 26.71
CA SER A 182 10.10 -8.78 27.22
C SER A 182 9.16 -8.65 28.42
N LYS A 183 8.34 -9.68 28.64
CA LYS A 183 7.42 -9.71 29.79
C LYS A 183 8.14 -9.35 31.10
N ALA A 184 9.37 -9.85 31.24
CA ALA A 184 10.24 -9.55 32.39
C ALA A 184 10.52 -8.05 32.55
N ASP A 185 11.07 -7.42 31.52
CA ASP A 185 11.29 -5.96 31.49
C ASP A 185 10.01 -5.19 31.80
N TYR A 186 8.92 -5.62 31.17
CA TYR A 186 7.59 -5.04 31.36
C TYR A 186 7.13 -5.07 32.83
N GLU A 187 7.17 -6.27 33.43
CA GLU A 187 6.71 -6.45 34.80
C GLU A 187 7.56 -5.81 35.91
N LYS A 188 8.59 -5.06 35.51
CA LYS A 188 9.45 -4.37 36.46
C LYS A 188 9.12 -2.88 36.59
N HIS A 189 8.09 -2.44 35.88
CA HIS A 189 7.65 -1.04 35.89
C HIS A 189 6.16 -0.93 36.02
N LYS A 190 5.69 0.22 36.49
CA LYS A 190 4.26 0.43 36.76
C LYS A 190 3.59 1.44 35.80
N VAL A 191 4.10 2.68 35.77
CA VAL A 191 3.53 3.74 34.94
C VAL A 191 4.01 3.65 33.49
N TYR A 192 3.08 3.40 32.56
CA TYR A 192 3.39 3.37 31.13
C TYR A 192 2.72 4.50 30.40
N ALA A 193 3.52 5.51 30.03
CA ALA A 193 3.02 6.75 29.46
C ALA A 193 3.52 7.08 28.05
N CYS A 194 2.71 7.87 27.34
CA CYS A 194 2.93 8.28 25.98
C CYS A 194 2.73 9.79 25.89
N GLU A 195 3.82 10.55 25.85
CA GLU A 195 3.73 11.99 25.73
C GLU A 195 3.84 12.44 24.28
N VAL A 196 2.87 13.21 23.83
CA VAL A 196 2.75 13.66 22.44
C VAL A 196 2.96 15.16 22.28
N THR A 197 3.94 15.54 21.48
CA THR A 197 4.07 16.95 21.10
C THR A 197 3.78 17.12 19.60
N HIS A 198 2.92 18.09 19.30
CA HIS A 198 2.46 18.37 17.95
C HIS A 198 1.91 19.77 17.94
N GLN A 199 2.15 20.52 16.88
CA GLN A 199 1.78 21.94 16.89
C GLN A 199 0.30 22.23 16.71
N GLY A 200 -0.51 21.17 16.62
CA GLY A 200 -1.96 21.29 16.69
C GLY A 200 -2.47 21.30 18.13
N LEU A 201 -1.53 21.13 19.07
CA LEU A 201 -1.85 21.06 20.49
C LEU A 201 -1.27 22.27 21.21
N SER A 202 -2.06 22.80 22.16
CA SER A 202 -1.66 23.95 22.98
C SER A 202 -0.42 23.60 23.79
N SER A 203 -0.42 22.38 24.35
CA SER A 203 0.73 21.81 25.06
C SER A 203 0.68 20.27 24.99
N PRO A 204 1.78 19.59 25.36
CA PRO A 204 1.88 18.13 25.24
C PRO A 204 0.75 17.34 25.90
N VAL A 205 0.26 16.33 25.18
CA VAL A 205 -0.80 15.44 25.67
C VAL A 205 -0.19 14.10 26.09
N THR A 206 -0.45 13.70 27.33
CA THR A 206 0.03 12.43 27.87
C THR A 206 -1.13 11.45 28.08
N LYS A 207 -0.97 10.23 27.59
CA LYS A 207 -1.89 9.15 27.89
C LYS A 207 -1.10 8.02 28.53
N SER A 208 -1.60 7.51 29.64
CA SER A 208 -0.91 6.49 30.40
C SER A 208 -1.83 5.44 31.00
N PHE A 209 -1.24 4.32 31.38
CA PHE A 209 -1.91 3.28 32.15
C PHE A 209 -0.95 2.72 33.20
N ASN A 210 -1.50 2.18 34.28
CA ASN A 210 -0.70 1.49 35.30
C ASN A 210 -0.85 -0.01 35.10
N ARG A 211 0.28 -0.70 34.97
CA ARG A 211 0.26 -2.14 34.75
C ARG A 211 -0.48 -2.83 35.91
N GLY A 212 -1.57 -3.53 35.60
CA GLY A 212 -2.33 -4.25 36.62
C GLY A 212 -3.70 -3.69 36.93
N GLU A 213 -3.84 -2.36 36.91
CA GLU A 213 -5.09 -1.67 37.22
C GLU A 213 -6.25 -2.00 36.27
N CYS A 214 -7.35 -2.51 36.86
CA CYS A 214 -8.58 -2.83 36.13
C CYS A 214 -9.55 -1.64 36.12
N VAL B 2 -15.32 -7.05 -16.05
CA VAL B 2 -14.04 -6.48 -16.57
C VAL B 2 -12.96 -6.53 -15.48
N GLN B 3 -12.60 -7.75 -15.07
CA GLN B 3 -11.66 -7.98 -13.96
C GLN B 3 -10.46 -8.84 -14.32
N LEU B 4 -9.36 -8.62 -13.62
CA LEU B 4 -8.21 -9.52 -13.67
C LEU B 4 -7.86 -9.88 -12.25
N VAL B 5 -7.61 -11.18 -12.03
CA VAL B 5 -7.30 -11.71 -10.72
C VAL B 5 -5.98 -12.47 -10.78
N GLN B 6 -5.08 -12.11 -9.88
CA GLN B 6 -3.72 -12.63 -9.88
C GLN B 6 -3.52 -13.63 -8.74
N SER B 7 -2.54 -14.51 -8.91
CA SER B 7 -2.14 -15.45 -7.86
C SER B 7 -1.70 -14.73 -6.58
N GLY B 8 -1.66 -15.49 -5.49
CA GLY B 8 -1.21 -14.99 -4.20
C GLY B 8 0.29 -14.69 -4.14
N ALA B 9 0.66 -13.82 -3.20
CA ALA B 9 2.04 -13.47 -2.94
C ALA B 9 2.79 -14.64 -2.32
N GLU B 10 4.05 -14.84 -2.72
CA GLU B 10 4.89 -15.83 -2.06
C GLU B 10 6.38 -15.47 -1.98
N VAL B 11 7.08 -16.23 -1.13
CA VAL B 11 8.53 -16.13 -0.98
C VAL B 11 9.22 -17.22 -1.81
N LYS B 12 10.35 -16.88 -2.43
CA LYS B 12 11.11 -17.81 -3.29
C LYS B 12 12.62 -17.71 -3.02
N LYS B 13 13.26 -18.85 -2.77
CA LYS B 13 14.72 -18.89 -2.57
C LYS B 13 15.44 -18.34 -3.81
N PRO B 14 16.57 -17.64 -3.61
CA PRO B 14 17.36 -17.16 -4.75
C PRO B 14 17.74 -18.29 -5.71
N GLY B 15 17.85 -17.98 -6.99
CA GLY B 15 18.19 -18.98 -8.00
C GLY B 15 17.02 -19.85 -8.47
N SER B 16 15.86 -19.69 -7.84
CA SER B 16 14.66 -20.45 -8.22
C SER B 16 13.81 -19.72 -9.28
N SER B 17 12.56 -20.17 -9.43
CA SER B 17 11.63 -19.68 -10.44
C SER B 17 10.30 -19.32 -9.83
N VAL B 18 9.62 -18.34 -10.40
CA VAL B 18 8.25 -18.05 -10.00
C VAL B 18 7.37 -17.97 -11.24
N LYS B 19 6.18 -18.58 -11.13
CA LYS B 19 5.17 -18.44 -12.15
C LYS B 19 3.96 -17.76 -11.53
N VAL B 20 3.60 -16.61 -12.10
CA VAL B 20 2.52 -15.78 -11.61
C VAL B 20 1.39 -15.87 -12.63
N SER B 21 0.17 -16.03 -12.15
CA SER B 21 -0.99 -16.19 -13.03
C SER B 21 -1.94 -15.01 -12.96
N CYS B 22 -2.55 -14.73 -14.11
CA CYS B 22 -3.51 -13.65 -14.29
C CYS B 22 -4.80 -14.26 -14.86
N LYS B 23 -5.87 -14.33 -14.06
CA LYS B 23 -7.16 -14.87 -14.54
C LYS B 23 -8.02 -13.77 -15.14
N ALA B 24 -8.12 -13.74 -16.47
CA ALA B 24 -9.07 -12.85 -17.14
C ALA B 24 -10.49 -13.34 -16.83
N SER B 25 -11.26 -12.49 -16.15
CA SER B 25 -12.57 -12.90 -15.66
C SER B 25 -13.59 -13.04 -16.78
N GLY B 26 -14.34 -14.13 -16.74
CA GLY B 26 -15.41 -14.43 -17.70
C GLY B 26 -14.98 -14.72 -19.13
N GLY B 27 -13.71 -15.12 -19.31
CA GLY B 27 -13.17 -15.45 -20.63
C GLY B 27 -12.92 -14.26 -21.55
N THR B 28 -12.51 -13.13 -20.96
CA THR B 28 -12.31 -11.87 -21.70
C THR B 28 -10.89 -11.73 -22.28
N PHE B 29 -10.36 -12.88 -22.75
CA PHE B 29 -9.21 -12.90 -23.64
C PHE B 29 -9.59 -12.48 -25.06
N SER B 30 -10.91 -12.45 -25.31
CA SER B 30 -11.46 -11.95 -26.57
C SER B 30 -11.10 -10.50 -26.80
N SER B 31 -10.22 -10.28 -27.78
CA SER B 31 -9.78 -8.95 -28.21
C SER B 31 -9.03 -8.13 -27.16
N TYR B 32 -8.15 -8.80 -26.41
CA TYR B 32 -7.28 -8.15 -25.42
C TYR B 32 -5.91 -8.80 -25.31
N ALA B 33 -4.87 -8.01 -25.58
CA ALA B 33 -3.51 -8.41 -25.23
C ALA B 33 -3.30 -8.37 -23.70
N ILE B 34 -2.27 -9.06 -23.22
CA ILE B 34 -1.92 -8.99 -21.81
C ILE B 34 -0.48 -8.52 -21.65
N SER B 35 -0.27 -7.50 -20.83
CA SER B 35 1.08 -7.04 -20.50
C SER B 35 1.43 -7.35 -19.07
N TRP B 36 2.73 -7.50 -18.81
CA TRP B 36 3.25 -7.63 -17.45
C TRP B 36 4.14 -6.47 -17.10
N VAL B 37 3.85 -5.88 -15.94
CA VAL B 37 4.55 -4.71 -15.43
C VAL B 37 4.96 -4.95 -13.98
N ARG B 38 6.21 -4.68 -13.66
CA ARG B 38 6.63 -4.78 -12.26
C ARG B 38 7.00 -3.44 -11.63
N GLN B 39 6.86 -3.40 -10.33
CA GLN B 39 7.17 -2.25 -9.51
C GLN B 39 7.99 -2.76 -8.34
N ALA B 40 9.31 -2.52 -8.37
CA ALA B 40 10.15 -2.84 -7.22
C ALA B 40 9.82 -1.86 -6.09
N PRO B 41 9.88 -2.30 -4.81
CA PRO B 41 9.28 -1.48 -3.75
C PRO B 41 9.89 -0.08 -3.70
N GLY B 42 9.03 0.93 -3.68
CA GLY B 42 9.48 2.33 -3.70
C GLY B 42 9.89 2.85 -5.07
N GLN B 43 9.89 1.97 -6.08
CA GLN B 43 10.32 2.33 -7.43
C GLN B 43 9.14 2.62 -8.34
N GLY B 44 9.46 2.86 -9.62
CA GLY B 44 8.45 3.15 -10.64
C GLY B 44 8.04 1.89 -11.38
N LEU B 45 7.29 2.06 -12.45
CA LEU B 45 6.72 0.95 -13.19
C LEU B 45 7.62 0.54 -14.35
N GLU B 46 7.91 -0.75 -14.44
CA GLU B 46 8.75 -1.28 -15.51
C GLU B 46 7.97 -2.34 -16.29
N TRP B 47 7.90 -2.17 -17.61
CA TRP B 47 7.23 -3.13 -18.49
C TRP B 47 8.12 -4.31 -18.73
N MET B 48 7.61 -5.51 -18.44
CA MET B 48 8.39 -6.72 -18.66
C MET B 48 8.18 -7.31 -20.05
N GLY B 49 6.92 -7.35 -20.47
CA GLY B 49 6.59 -7.88 -21.77
C GLY B 49 5.10 -8.09 -21.91
N GLY B 50 4.70 -8.59 -23.08
CA GLY B 50 3.30 -8.83 -23.37
C GLY B 50 3.07 -10.00 -24.29
N ILE B 51 1.83 -10.48 -24.31
CA ILE B 51 1.43 -11.58 -25.19
C ILE B 51 0.09 -11.32 -25.88
N ILE B 52 0.02 -11.68 -27.16
CA ILE B 52 -1.28 -11.77 -27.86
C ILE B 52 -1.79 -13.18 -27.63
N PRO B 53 -2.77 -13.35 -26.72
CA PRO B 53 -3.13 -14.66 -26.17
C PRO B 53 -3.43 -15.73 -27.23
N ILE B 54 -4.35 -15.41 -28.15
CA ILE B 54 -4.80 -16.39 -29.15
C ILE B 54 -3.70 -16.84 -30.12
N PHE B 55 -2.90 -15.92 -30.63
CA PHE B 55 -1.72 -16.30 -31.43
C PHE B 55 -0.61 -16.90 -30.56
N GLY B 56 -0.63 -16.57 -29.27
CA GLY B 56 0.43 -16.98 -28.33
C GLY B 56 1.78 -16.32 -28.57
N THR B 57 1.83 -15.31 -29.45
CA THR B 57 3.09 -14.61 -29.71
C THR B 57 3.41 -13.63 -28.57
N ALA B 58 4.64 -13.75 -28.07
CA ALA B 58 5.07 -12.98 -26.91
C ALA B 58 6.15 -11.99 -27.28
N ASN B 59 6.14 -10.86 -26.57
CA ASN B 59 7.06 -9.76 -26.80
C ASN B 59 7.69 -9.40 -25.45
N TYR B 60 9.01 -9.47 -25.37
CA TYR B 60 9.73 -9.20 -24.13
C TYR B 60 10.65 -7.98 -24.22
N ALA B 61 10.79 -7.27 -23.10
CA ALA B 61 11.81 -6.22 -22.98
C ALA B 61 13.19 -6.87 -22.92
N GLN B 62 14.13 -6.32 -23.69
CA GLN B 62 15.48 -6.89 -23.78
C GLN B 62 16.16 -7.00 -22.42
N LYS B 63 15.77 -6.12 -21.50
CA LYS B 63 16.23 -6.19 -20.11
C LYS B 63 15.97 -7.58 -19.50
N PHE B 64 14.84 -8.18 -19.87
CA PHE B 64 14.37 -9.44 -19.26
C PHE B 64 14.47 -10.66 -20.17
N GLN B 65 14.78 -10.45 -21.45
CA GLN B 65 14.90 -11.56 -22.41
C GLN B 65 15.83 -12.66 -21.91
N GLY B 66 15.34 -13.89 -21.93
CA GLY B 66 16.10 -15.05 -21.47
C GLY B 66 15.70 -15.50 -20.09
N ARG B 67 15.21 -14.58 -19.27
CA ARG B 67 14.84 -14.88 -17.89
C ARG B 67 13.33 -15.01 -17.69
N VAL B 68 12.56 -14.39 -18.58
CA VAL B 68 11.11 -14.32 -18.42
C VAL B 68 10.39 -15.00 -19.58
N THR B 69 9.35 -15.75 -19.26
CA THR B 69 8.49 -16.37 -20.28
C THR B 69 7.03 -16.05 -19.99
N ILE B 70 6.36 -15.48 -20.98
CA ILE B 70 4.95 -15.14 -20.86
C ILE B 70 4.10 -16.04 -21.75
N THR B 71 3.06 -16.63 -21.16
CA THR B 71 2.20 -17.59 -21.86
C THR B 71 0.75 -17.37 -21.52
N ALA B 72 -0.14 -17.82 -22.42
CA ALA B 72 -1.58 -17.71 -22.21
C ALA B 72 -2.27 -19.05 -22.48
N ASP B 73 -3.34 -19.32 -21.73
CA ASP B 73 -4.10 -20.55 -21.90
C ASP B 73 -5.59 -20.23 -22.06
N GLU B 74 -6.08 -20.39 -23.29
CA GLU B 74 -7.43 -19.95 -23.69
C GLU B 74 -8.59 -20.70 -23.02
N SER B 75 -8.40 -22.00 -22.78
CA SER B 75 -9.41 -22.82 -22.10
C SER B 75 -9.56 -22.49 -20.61
N THR B 76 -8.58 -21.80 -20.04
CA THR B 76 -8.63 -21.36 -18.64
C THR B 76 -8.82 -19.85 -18.52
N SER B 77 -8.50 -19.12 -19.60
CA SER B 77 -8.53 -17.64 -19.63
C SER B 77 -7.48 -17.02 -18.68
N THR B 78 -6.29 -17.58 -18.71
CA THR B 78 -5.23 -17.24 -17.79
C THR B 78 -3.92 -16.91 -18.50
N ALA B 79 -3.34 -15.77 -18.12
CA ALA B 79 -2.00 -15.41 -18.57
C ALA B 79 -1.01 -15.82 -17.51
N TYR B 80 0.23 -16.05 -17.94
CA TYR B 80 1.28 -16.54 -17.04
C TYR B 80 2.57 -15.81 -17.30
N MET B 81 3.24 -15.47 -16.19
CA MET B 81 4.56 -14.87 -16.24
C MET B 81 5.47 -15.74 -15.40
N GLU B 82 6.55 -16.20 -16.02
CA GLU B 82 7.55 -16.96 -15.31
C GLU B 82 8.91 -16.28 -15.33
N LEU B 83 9.42 -16.01 -14.13
CA LEU B 83 10.72 -15.40 -13.97
C LEU B 83 11.63 -16.40 -13.27
N SER B 84 12.73 -16.73 -13.94
CA SER B 84 13.71 -17.70 -13.42
C SER B 84 15.01 -17.03 -12.99
N SER B 85 15.84 -17.78 -12.26
CA SER B 85 17.10 -17.27 -11.69
C SER B 85 16.82 -16.04 -10.83
N LEU B 86 15.94 -16.22 -9.86
CA LEU B 86 15.51 -15.13 -9.01
C LEU B 86 16.64 -14.59 -8.15
N ARG B 87 16.85 -13.29 -8.27
CA ARG B 87 17.81 -12.54 -7.47
C ARG B 87 17.03 -11.65 -6.50
N SER B 88 17.72 -11.04 -5.53
CA SER B 88 17.05 -10.12 -4.60
C SER B 88 16.43 -8.90 -5.27
N GLU B 89 17.04 -8.45 -6.36
CA GLU B 89 16.54 -7.31 -7.14
C GLU B 89 15.19 -7.60 -7.79
N ASP B 90 14.75 -8.85 -7.72
CA ASP B 90 13.49 -9.27 -8.30
C ASP B 90 12.33 -9.17 -7.34
N THR B 91 12.62 -8.89 -6.06
CA THR B 91 11.57 -8.59 -5.10
C THR B 91 10.80 -7.38 -5.62
N ALA B 92 9.53 -7.60 -5.94
CA ALA B 92 8.69 -6.59 -6.55
C ALA B 92 7.23 -7.01 -6.46
N VAL B 93 6.35 -6.07 -6.74
CA VAL B 93 4.95 -6.37 -7.01
C VAL B 93 4.83 -6.56 -8.50
N TYR B 94 4.31 -7.71 -8.94
CA TYR B 94 4.10 -7.94 -10.38
C TYR B 94 2.64 -7.75 -10.77
N TYR B 95 2.42 -6.93 -11.80
CA TYR B 95 1.08 -6.62 -12.28
C TYR B 95 0.85 -7.17 -13.68
N CYS B 96 -0.33 -7.72 -13.91
CA CYS B 96 -0.82 -7.89 -15.27
C CYS B 96 -1.87 -6.84 -15.56
N ALA B 97 -1.85 -6.33 -16.78
CA ALA B 97 -2.85 -5.39 -17.25
C ALA B 97 -3.32 -5.84 -18.63
N ARG B 98 -4.49 -5.36 -19.04
CA ARG B 98 -4.95 -5.63 -20.38
C ARG B 98 -4.63 -4.51 -21.35
N TYR B 99 -3.99 -4.88 -22.45
CA TYR B 99 -3.58 -3.97 -23.49
C TYR B 99 -4.63 -3.98 -24.60
N ASP B 100 -5.12 -2.79 -24.95
CA ASP B 100 -6.06 -2.63 -26.05
C ASP B 100 -5.34 -2.03 -27.25
N GLY B 101 -5.61 -2.59 -28.43
CA GLY B 101 -4.74 -2.44 -29.61
C GLY B 101 -4.90 -1.24 -30.51
N ILE B 102 -5.92 -0.42 -30.26
CA ILE B 102 -6.03 0.84 -31.01
C ILE B 102 -5.11 1.91 -30.43
N TYR B 103 -5.32 2.25 -29.16
CA TYR B 103 -4.58 3.36 -28.54
C TYR B 103 -3.36 2.94 -27.71
N GLY B 104 -3.31 1.67 -27.32
CA GLY B 104 -2.14 1.11 -26.64
C GLY B 104 -2.24 1.27 -25.14
N GLU B 105 -3.47 1.49 -24.65
CA GLU B 105 -3.69 1.74 -23.25
C GLU B 105 -3.75 0.46 -22.45
N LEU B 106 -3.46 0.56 -21.16
CA LEU B 106 -3.62 -0.54 -20.23
C LEU B 106 -4.76 -0.17 -19.28
N ASP B 107 -5.97 -0.49 -19.70
CA ASP B 107 -7.18 0.07 -19.08
C ASP B 107 -7.70 -0.69 -17.87
N PHE B 108 -7.13 -1.86 -17.60
CA PHE B 108 -7.42 -2.53 -16.35
C PHE B 108 -6.25 -3.35 -15.88
N TRP B 109 -6.02 -3.31 -14.57
CA TRP B 109 -4.85 -3.92 -13.97
C TRP B 109 -5.26 -4.86 -12.89
N GLY B 110 -4.56 -5.98 -12.78
CA GLY B 110 -4.78 -6.90 -11.65
C GLY B 110 -4.34 -6.25 -10.34
N GLN B 111 -4.68 -6.88 -9.21
CA GLN B 111 -4.36 -6.30 -7.90
C GLN B 111 -2.85 -6.32 -7.59
N GLY B 112 -2.09 -7.15 -8.31
CA GLY B 112 -0.65 -7.27 -8.11
C GLY B 112 -0.26 -8.43 -7.21
N THR B 113 0.82 -9.11 -7.57
CA THR B 113 1.37 -10.20 -6.78
C THR B 113 2.76 -9.80 -6.30
N LEU B 114 2.94 -9.79 -4.98
CA LEU B 114 4.23 -9.47 -4.37
C LEU B 114 5.10 -10.71 -4.22
N VAL B 115 6.20 -10.73 -4.95
CA VAL B 115 7.15 -11.81 -4.89
C VAL B 115 8.39 -11.30 -4.15
N THR B 116 8.75 -12.03 -3.10
CA THR B 116 9.85 -11.70 -2.24
C THR B 116 10.90 -12.77 -2.36
N VAL B 117 12.09 -12.39 -2.83
CA VAL B 117 13.21 -13.32 -2.94
C VAL B 117 14.00 -13.36 -1.62
N SER B 118 14.07 -14.54 -1.00
CA SER B 118 14.65 -14.69 0.32
C SER B 118 15.03 -16.12 0.65
N SER B 119 16.16 -16.28 1.34
CA SER B 119 16.60 -17.57 1.86
C SER B 119 15.72 -18.02 3.02
N ALA B 120 15.03 -17.07 3.65
CA ALA B 120 14.21 -17.38 4.81
C ALA B 120 12.88 -17.97 4.37
N SER B 121 12.35 -18.87 5.20
CA SER B 121 11.08 -19.51 4.91
C SER B 121 9.97 -18.67 5.52
N THR B 122 8.74 -18.94 5.09
CA THR B 122 7.59 -18.17 5.55
C THR B 122 7.30 -18.38 7.03
N LYS B 123 6.71 -17.35 7.65
CA LYS B 123 6.27 -17.42 9.02
C LYS B 123 4.99 -16.61 9.13
N GLY B 124 3.94 -17.26 9.60
CA GLY B 124 2.64 -16.62 9.73
C GLY B 124 2.57 -15.76 10.98
N PRO B 125 1.71 -14.74 10.96
CA PRO B 125 1.59 -13.79 12.06
C PRO B 125 0.83 -14.33 13.26
N SER B 126 1.05 -13.68 14.40
CA SER B 126 0.22 -13.85 15.58
C SER B 126 -0.66 -12.61 15.67
N VAL B 127 -1.96 -12.81 15.90
CA VAL B 127 -2.87 -11.66 15.99
C VAL B 127 -3.30 -11.41 17.44
N PHE B 128 -3.00 -10.20 17.91
CA PHE B 128 -3.33 -9.79 19.27
C PHE B 128 -4.31 -8.63 19.24
N PRO B 129 -5.26 -8.62 20.21
CA PRO B 129 -6.26 -7.56 20.21
C PRO B 129 -5.73 -6.29 20.87
N LEU B 130 -6.12 -5.14 20.32
CA LEU B 130 -5.86 -3.86 20.95
C LEU B 130 -7.17 -3.42 21.57
N ALA B 131 -7.27 -3.60 22.88
CA ALA B 131 -8.50 -3.43 23.63
C ALA B 131 -8.83 -1.96 23.88
N PRO B 132 -10.12 -1.58 23.70
CA PRO B 132 -10.55 -0.20 23.91
C PRO B 132 -10.69 0.16 25.39
N SER B 133 -10.53 1.45 25.72
CA SER B 133 -10.66 1.97 27.08
C SER B 133 -10.91 3.48 27.09
N GLY B 140 -16.01 11.45 22.92
CA GLY B 140 -17.07 10.44 23.00
C GLY B 140 -16.87 9.24 22.08
N THR B 141 -15.73 9.20 21.39
CA THR B 141 -15.38 8.08 20.51
C THR B 141 -14.29 7.23 21.15
N ALA B 142 -14.26 5.94 20.82
CA ALA B 142 -13.24 5.02 21.34
C ALA B 142 -12.55 4.23 20.24
N ALA B 143 -11.29 3.88 20.48
CA ALA B 143 -10.48 3.19 19.48
C ALA B 143 -10.11 1.79 19.93
N LEU B 144 -10.12 0.86 18.98
CA LEU B 144 -9.75 -0.52 19.22
C LEU B 144 -9.03 -1.01 17.97
N GLY B 145 -8.36 -2.17 18.07
CA GLY B 145 -7.64 -2.68 16.92
C GLY B 145 -7.01 -4.06 17.07
N CYS B 146 -6.13 -4.38 16.13
CA CYS B 146 -5.48 -5.67 16.05
C CYS B 146 -4.00 -5.52 15.76
N LEU B 147 -3.18 -6.20 16.54
CA LEU B 147 -1.74 -6.20 16.33
C LEU B 147 -1.36 -7.47 15.60
N VAL B 148 -0.85 -7.32 14.38
CA VAL B 148 -0.47 -8.44 13.53
C VAL B 148 1.04 -8.55 13.55
N LYS B 149 1.54 -9.45 14.38
CA LYS B 149 2.94 -9.46 14.75
C LYS B 149 3.72 -10.68 14.25
N ASP B 150 4.97 -10.43 13.84
CA ASP B 150 5.98 -11.46 13.61
C ASP B 150 5.72 -12.36 12.40
N TYR B 151 5.53 -11.73 11.26
CA TYR B 151 5.31 -12.47 10.02
C TYR B 151 6.36 -12.15 8.95
N PHE B 152 6.46 -13.03 7.97
CA PHE B 152 7.37 -12.86 6.83
C PHE B 152 6.95 -13.80 5.71
N PRO B 153 6.98 -13.32 4.45
CA PRO B 153 7.25 -11.95 4.04
C PRO B 153 5.96 -11.16 4.00
N GLU B 154 5.98 -10.03 3.30
CA GLU B 154 4.78 -9.26 3.08
C GLU B 154 3.97 -9.89 1.94
N PRO B 155 2.65 -9.60 1.88
CA PRO B 155 1.86 -8.73 2.77
C PRO B 155 0.89 -9.47 3.65
N VAL B 156 0.20 -8.72 4.50
CA VAL B 156 -0.99 -9.20 5.19
C VAL B 156 -2.13 -8.28 4.80
N THR B 157 -3.34 -8.83 4.73
CA THR B 157 -4.52 -8.01 4.53
C THR B 157 -5.33 -8.03 5.81
N VAL B 158 -5.92 -6.90 6.15
CA VAL B 158 -6.81 -6.80 7.29
C VAL B 158 -8.11 -6.19 6.81
N SER B 159 -9.22 -6.77 7.24
CA SER B 159 -10.54 -6.17 7.05
C SER B 159 -11.29 -6.28 8.37
N TRP B 160 -12.34 -5.51 8.53
CA TRP B 160 -13.11 -5.54 9.75
C TRP B 160 -14.52 -6.02 9.53
N ASN B 161 -14.88 -7.09 10.24
CA ASN B 161 -16.18 -7.74 10.11
C ASN B 161 -16.47 -8.15 8.66
N SER B 162 -15.62 -9.02 8.13
CA SER B 162 -15.72 -9.56 6.76
C SER B 162 -15.96 -8.54 5.63
N GLY B 163 -15.66 -7.27 5.89
CA GLY B 163 -15.79 -6.22 4.89
C GLY B 163 -16.82 -5.17 5.27
N ALA B 164 -17.58 -5.45 6.33
CA ALA B 164 -18.67 -4.58 6.78
C ALA B 164 -18.20 -3.22 7.27
N LEU B 165 -17.23 -3.22 8.18
CA LEU B 165 -16.69 -1.98 8.73
C LEU B 165 -15.48 -1.51 7.92
N THR B 166 -15.56 -0.26 7.45
CA THR B 166 -14.50 0.34 6.64
C THR B 166 -14.23 1.79 7.07
N SER B 167 -15.30 2.46 7.48
CA SER B 167 -15.21 3.83 7.97
C SER B 167 -14.40 3.89 9.26
N GLY B 168 -13.44 4.83 9.30
CA GLY B 168 -12.60 5.04 10.49
C GLY B 168 -11.49 4.02 10.65
N VAL B 169 -11.35 3.13 9.67
CA VAL B 169 -10.35 2.06 9.72
C VAL B 169 -9.02 2.55 9.19
N HIS B 170 -7.97 2.35 9.98
CA HIS B 170 -6.60 2.66 9.59
C HIS B 170 -5.74 1.45 9.73
N THR B 171 -5.26 0.94 8.60
CA THR B 171 -4.28 -0.14 8.60
C THR B 171 -2.89 0.44 8.28
N PHE B 172 -1.96 0.25 9.22
CA PHE B 172 -0.64 0.85 9.09
C PHE B 172 0.26 0.05 8.18
N PRO B 173 1.22 0.73 7.52
CA PRO B 173 2.30 0.07 6.82
C PRO B 173 3.11 -0.81 7.78
N ALA B 174 3.55 -1.96 7.28
CA ALA B 174 4.34 -2.86 8.10
C ALA B 174 5.66 -2.21 8.49
N VAL B 175 6.08 -2.42 9.73
CA VAL B 175 7.43 -2.05 10.14
C VAL B 175 8.26 -3.31 10.29
N LEU B 176 9.54 -3.18 9.98
CA LEU B 176 10.49 -4.25 10.10
C LEU B 176 11.10 -4.14 11.48
N GLN B 177 11.08 -5.24 12.22
CA GLN B 177 11.65 -5.27 13.55
C GLN B 177 13.05 -5.83 13.50
N SER B 178 13.81 -5.61 14.56
CA SER B 178 15.21 -6.04 14.62
C SER B 178 15.35 -7.55 14.58
N SER B 179 14.24 -8.25 14.81
CA SER B 179 14.17 -9.70 14.69
C SER B 179 14.19 -10.15 13.21
N GLY B 180 13.86 -9.22 12.31
CA GLY B 180 13.88 -9.51 10.88
C GLY B 180 12.48 -9.72 10.34
N LEU B 181 11.51 -9.71 11.24
CA LEU B 181 10.13 -9.99 10.92
C LEU B 181 9.30 -8.71 10.88
N TYR B 182 8.23 -8.74 10.09
CA TYR B 182 7.34 -7.59 9.99
C TYR B 182 6.29 -7.64 11.09
N SER B 183 5.76 -6.46 11.39
CA SER B 183 4.70 -6.26 12.35
C SER B 183 3.88 -5.06 11.89
N LEU B 184 2.60 -5.07 12.24
CA LEU B 184 1.64 -4.14 11.67
C LEU B 184 0.41 -4.10 12.58
N SER B 185 -0.18 -2.93 12.72
CA SER B 185 -1.41 -2.85 13.48
C SER B 185 -2.51 -2.22 12.63
N SER B 186 -3.72 -2.71 12.84
CA SER B 186 -4.90 -2.12 12.22
C SER B 186 -5.79 -1.60 13.32
N VAL B 187 -6.34 -0.41 13.14
CA VAL B 187 -7.14 0.21 14.18
C VAL B 187 -8.36 0.87 13.58
N VAL B 188 -9.38 1.04 14.41
CA VAL B 188 -10.61 1.69 14.01
C VAL B 188 -11.22 2.47 15.18
N THR B 189 -11.80 3.60 14.84
CA THR B 189 -12.51 4.43 15.81
C THR B 189 -14.02 4.26 15.65
N VAL B 190 -14.69 4.01 16.78
CA VAL B 190 -16.12 3.78 16.83
C VAL B 190 -16.68 4.50 18.06
N PRO B 191 -17.97 4.87 18.04
CA PRO B 191 -18.56 5.52 19.22
C PRO B 191 -18.58 4.58 20.43
N SER B 192 -18.42 5.15 21.62
CA SER B 192 -18.39 4.41 22.89
C SER B 192 -19.65 3.56 23.08
N SER B 193 -20.80 4.15 22.77
CA SER B 193 -22.11 3.51 22.91
C SER B 193 -22.20 2.14 22.22
N SER B 194 -21.63 2.03 21.02
CA SER B 194 -21.68 0.80 20.24
C SER B 194 -20.75 -0.30 20.76
N LEU B 195 -20.04 -0.03 21.86
CA LEU B 195 -19.08 -1.00 22.41
C LEU B 195 -19.73 -2.26 22.98
N GLY B 196 -20.47 -2.11 24.08
CA GLY B 196 -21.13 -3.23 24.74
C GLY B 196 -22.13 -4.00 23.88
N THR B 197 -22.57 -3.37 22.80
CA THR B 197 -23.58 -3.94 21.91
C THR B 197 -22.98 -4.60 20.66
N GLN B 198 -22.21 -3.84 19.87
CA GLN B 198 -21.67 -4.29 18.58
C GLN B 198 -20.41 -5.15 18.70
N THR B 199 -20.26 -6.10 17.78
CA THR B 199 -19.14 -7.05 17.78
C THR B 199 -18.07 -6.63 16.78
N TYR B 200 -16.82 -6.76 17.21
CA TYR B 200 -15.69 -6.38 16.38
C TYR B 200 -14.69 -7.51 16.18
N ILE B 201 -14.62 -7.98 14.94
CA ILE B 201 -13.69 -9.03 14.54
C ILE B 201 -12.80 -8.55 13.40
N CYS B 202 -11.49 -8.55 13.62
CA CYS B 202 -10.55 -8.24 12.54
C CYS B 202 -10.17 -9.51 11.78
N ASN B 203 -10.05 -9.39 10.47
CA ASN B 203 -9.80 -10.53 9.61
C ASN B 203 -8.47 -10.38 8.91
N VAL B 204 -7.54 -11.25 9.31
CA VAL B 204 -6.18 -11.20 8.84
C VAL B 204 -5.91 -12.38 7.90
N ASN B 205 -5.30 -12.07 6.77
CA ASN B 205 -4.92 -13.08 5.79
C ASN B 205 -3.45 -12.92 5.37
N HIS B 206 -2.67 -13.95 5.61
CA HIS B 206 -1.27 -13.95 5.22
C HIS B 206 -1.03 -15.02 4.19
N LYS B 207 -1.29 -14.64 2.94
CA LYS B 207 -1.27 -15.56 1.79
C LYS B 207 0.00 -16.42 1.61
N PRO B 208 1.20 -15.86 1.91
CA PRO B 208 2.40 -16.67 1.68
C PRO B 208 2.57 -17.84 2.67
N SER B 209 1.92 -17.78 3.83
CA SER B 209 1.95 -18.87 4.81
C SER B 209 0.59 -19.56 4.91
N ASN B 210 -0.34 -19.17 4.04
CA ASN B 210 -1.73 -19.65 4.06
C ASN B 210 -2.35 -19.61 5.45
N THR B 211 -2.07 -18.51 6.15
CA THR B 211 -2.62 -18.28 7.48
C THR B 211 -3.80 -17.34 7.36
N LYS B 212 -4.85 -17.65 8.10
CA LYS B 212 -6.04 -16.82 8.19
C LYS B 212 -6.50 -16.85 9.65
N VAL B 213 -6.77 -15.67 10.20
CA VAL B 213 -7.11 -15.52 11.62
C VAL B 213 -8.20 -14.48 11.76
N ASP B 214 -9.17 -14.77 12.62
CA ASP B 214 -10.24 -13.82 12.91
C ASP B 214 -10.36 -13.67 14.43
N LYS B 215 -9.59 -12.72 14.96
CA LYS B 215 -9.56 -12.44 16.38
C LYS B 215 -10.67 -11.45 16.73
N LYS B 216 -11.28 -11.63 17.89
CA LYS B 216 -12.37 -10.78 18.36
C LYS B 216 -11.87 -9.80 19.42
N VAL B 217 -12.23 -8.53 19.26
CA VAL B 217 -11.76 -7.49 20.18
C VAL B 217 -12.85 -7.12 21.19
N GLU B 218 -12.51 -7.28 22.48
CA GLU B 218 -13.43 -7.02 23.58
C GLU B 218 -12.78 -6.07 24.60
N PRO B 219 -13.59 -5.20 25.25
CA PRO B 219 -13.14 -4.29 26.31
C PRO B 219 -12.25 -4.94 27.38
N LYS B 220 -11.39 -4.13 28.01
CA LYS B 220 -10.40 -4.65 28.97
C LYS B 220 -10.97 -5.07 30.32
#